data_9B1F
#
_entry.id   9B1F
#
_cell.length_a   1.00
_cell.length_b   1.00
_cell.length_c   1.00
_cell.angle_alpha   90.00
_cell.angle_beta   90.00
_cell.angle_gamma   90.00
#
_symmetry.space_group_name_H-M   'P 1'
#
loop_
_entity.id
_entity.type
_entity.pdbx_description
1 polymer 'Solute carrier family 22 member 12'
2 non-polymer 2-acetamido-2-deoxy-beta-D-glucopyranose
#
_entity_poly.entity_id   1
_entity_poly.type   'polypeptide(L)'
_entity_poly.pdbx_seq_one_letter_code
;FSELLDLVGGLGRFQVLQTMALMVSIMWLCTQSMLENFSAAVPSHRCWAPLLDNSTAVSTSLSPEALLAISIPPGPNQRP
HQCRRFRQPQWQLLDPNATATSWSEADTEPCVDGWVYDRSIFTSTIVAKWNLVCDSHALKPMAQSIYLAGILVGAAACGP
ASDRFGRRLVLTWSYLQMAVMGTAAAFAPAFPVYCLFRFLLAFAVAGVMMNTGTLLMEWTAARARPLVMTLNSLGFSFGH
GLTAAVAYGVRDWTLLQLVVSVPFFLCFLYSWWLPESARWLIIKGKPDQALQELRKVARINGHKEAKNLTIEVLMSSVKE
EVASAKEPRSVLDLFCVPGLRFRTCISTLCWFAFGFTFFGLALDLQALGSNIFLLQMFIGVVDIPAKMGALLLLSHLGRR
PTLAASLLLAGLCILANTLVPHEMGALRSALAVLGLGGVGAAFTCITIYSSELFPTVLRMTAVGLGQMAARGGAILGPLV
RLLGVHGPWLPLLVYGTVPVLSGLAALLLPETQSLPLPDTIQDVQNQAVKKATHGTLGNSVLKSTQF
;
_entity_poly.pdbx_strand_id   A
#
# COMPACT_ATOMS: atom_id res chain seq x y z
N PHE A 1 13.63 29.59 -13.62
CA PHE A 1 13.99 28.24 -14.04
C PHE A 1 13.00 27.70 -15.06
N SER A 2 11.73 28.06 -14.93
CA SER A 2 10.72 27.61 -15.88
C SER A 2 10.99 28.15 -17.28
N GLU A 3 11.57 29.34 -17.37
CA GLU A 3 11.87 29.91 -18.68
C GLU A 3 12.98 29.11 -19.38
N LEU A 4 13.95 28.60 -18.62
CA LEU A 4 14.90 27.66 -19.21
C LEU A 4 14.19 26.43 -19.76
N LEU A 5 13.24 25.89 -19.01
CA LEU A 5 12.50 24.73 -19.49
C LEU A 5 11.70 25.06 -20.74
N ASP A 6 11.18 26.28 -20.84
CA ASP A 6 10.49 26.68 -22.06
C ASP A 6 11.44 26.91 -23.22
N LEU A 7 12.70 27.24 -22.92
CA LEU A 7 13.76 27.19 -23.93
C LEU A 7 14.16 25.76 -24.27
N VAL A 8 13.80 24.80 -23.42
CA VAL A 8 14.01 23.38 -23.68
C VAL A 8 12.71 22.68 -24.05
N GLY A 9 11.56 23.27 -23.73
CA GLY A 9 10.28 22.62 -23.86
C GLY A 9 9.75 22.17 -22.53
N GLY A 10 8.80 22.93 -21.98
CA GLY A 10 8.31 22.66 -20.64
C GLY A 10 7.30 21.54 -20.55
N LEU A 11 6.69 21.16 -21.66
CA LEU A 11 5.76 20.04 -21.68
C LEU A 11 5.69 19.56 -23.12
N GLY A 12 6.32 18.43 -23.39
CA GLY A 12 6.40 17.93 -24.75
C GLY A 12 6.67 16.45 -24.77
N ARG A 13 7.31 16.02 -25.85
CA ARG A 13 7.54 14.59 -26.07
C ARG A 13 8.24 13.94 -24.88
N PHE A 14 9.31 14.58 -24.38
CA PHE A 14 10.09 13.97 -23.30
C PHE A 14 9.24 13.79 -22.05
N GLN A 15 8.53 14.83 -21.64
CA GLN A 15 7.70 14.73 -20.44
C GLN A 15 6.64 13.65 -20.60
N VAL A 16 6.06 13.54 -21.79
CA VAL A 16 5.06 12.51 -22.06
C VAL A 16 5.66 11.13 -21.84
N LEU A 17 6.81 10.86 -22.45
CA LEU A 17 7.42 9.54 -22.34
C LEU A 17 7.82 9.24 -20.90
N GLN A 18 8.43 10.21 -20.23
CA GLN A 18 8.82 10.02 -18.83
C GLN A 18 7.62 9.71 -17.95
N THR A 19 6.53 10.45 -18.13
CA THR A 19 5.32 10.22 -17.36
C THR A 19 4.77 8.82 -17.60
N MET A 20 4.73 8.39 -18.86
CA MET A 20 4.25 7.05 -19.15
C MET A 20 5.08 6.00 -18.42
N ALA A 21 6.41 6.11 -18.54
CA ALA A 21 7.28 5.11 -17.91
C ALA A 21 7.07 5.06 -16.40
N LEU A 22 7.06 6.21 -15.75
CA LEU A 22 6.99 6.19 -14.29
C LEU A 22 5.60 5.79 -13.81
N MET A 23 4.54 6.10 -14.58
CA MET A 23 3.21 5.59 -14.26
C MET A 23 3.20 4.06 -14.29
N VAL A 24 3.80 3.46 -15.31
CA VAL A 24 3.82 2.00 -15.39
C VAL A 24 4.59 1.41 -14.19
N SER A 25 5.74 2.00 -13.88
CA SER A 25 6.53 1.50 -12.75
C SER A 25 5.73 1.60 -11.46
N ILE A 26 4.96 2.68 -11.28
CA ILE A 26 4.15 2.84 -10.08
C ILE A 26 3.04 1.79 -10.03
N MET A 27 2.45 1.46 -11.18
CA MET A 27 1.45 0.39 -11.20
C MET A 27 2.03 -0.91 -10.67
N TRP A 28 3.22 -1.30 -11.17
CA TRP A 28 3.81 -2.53 -10.70
C TRP A 28 4.21 -2.46 -9.23
N LEU A 29 4.66 -1.29 -8.77
CA LEU A 29 4.94 -1.11 -7.35
C LEU A 29 3.68 -1.31 -6.50
N CYS A 30 2.55 -0.79 -6.96
CA CYS A 30 1.30 -1.00 -6.22
C CYS A 30 0.95 -2.48 -6.19
N THR A 31 1.20 -3.21 -7.28
CA THR A 31 1.01 -4.65 -7.24
C THR A 31 1.90 -5.29 -6.19
N GLN A 32 3.13 -4.81 -6.06
CA GLN A 32 4.04 -5.33 -5.03
C GLN A 32 3.47 -5.15 -3.64
N SER A 33 2.90 -3.98 -3.36
CA SER A 33 2.36 -3.73 -2.01
C SER A 33 1.13 -4.58 -1.72
N MET A 34 0.22 -4.72 -2.69
CA MET A 34 -1.03 -5.44 -2.50
C MET A 34 -0.91 -6.95 -2.67
N LEU A 35 0.28 -7.46 -2.99
CA LEU A 35 0.40 -8.86 -3.41
C LEU A 35 -0.04 -9.83 -2.33
N GLU A 36 0.22 -9.52 -1.06
CA GLU A 36 0.03 -10.48 0.02
C GLU A 36 -1.43 -10.81 0.29
N ASN A 37 -2.39 -10.10 -0.33
CA ASN A 37 -3.76 -10.58 -0.31
C ASN A 37 -3.86 -11.95 -0.97
N PHE A 38 -3.10 -12.15 -2.06
CA PHE A 38 -3.12 -13.39 -2.83
C PHE A 38 -1.93 -14.30 -2.54
N SER A 39 -0.77 -13.74 -2.23
CA SER A 39 0.37 -14.58 -1.88
C SER A 39 0.21 -15.21 -0.51
N ALA A 40 -0.49 -14.54 0.41
CA ALA A 40 -0.69 -15.00 1.77
C ALA A 40 -2.16 -15.20 2.07
N ALA A 41 -2.93 -15.65 1.08
CA ALA A 41 -4.33 -15.99 1.31
C ALA A 41 -4.42 -17.20 2.23
N VAL A 42 -5.41 -17.21 3.12
CA VAL A 42 -5.59 -18.29 4.07
C VAL A 42 -6.64 -19.27 3.52
N PRO A 43 -6.22 -20.40 2.95
CA PRO A 43 -7.21 -21.42 2.59
C PRO A 43 -7.75 -22.13 3.82
N SER A 44 -8.96 -22.65 3.69
CA SER A 44 -9.54 -23.43 4.78
C SER A 44 -8.68 -24.65 5.05
N HIS A 45 -8.57 -25.00 6.33
CA HIS A 45 -7.63 -26.04 6.76
C HIS A 45 -8.23 -26.85 7.90
N ARG A 46 -7.66 -28.03 8.10
CA ARG A 46 -8.02 -28.93 9.18
C ARG A 46 -6.81 -29.81 9.48
N CYS A 47 -6.82 -30.46 10.64
CA CYS A 47 -5.72 -31.34 10.98
C CYS A 47 -5.65 -32.52 10.01
N TRP A 48 -4.43 -33.01 9.78
CA TRP A 48 -4.26 -34.26 9.07
C TRP A 48 -4.72 -35.41 9.96
N ALA A 49 -5.53 -36.32 9.41
CA ALA A 49 -6.13 -37.40 10.20
C ALA A 49 -5.91 -38.75 9.54
N PRO A 50 -5.62 -39.80 10.33
CA PRO A 50 -5.41 -41.13 9.71
C PRO A 50 -6.54 -41.60 8.81
N LEU A 51 -7.80 -41.45 9.24
CA LEU A 51 -8.90 -41.99 8.47
C LEU A 51 -9.12 -41.21 7.18
N LEU A 52 -9.10 -39.88 7.27
CA LEU A 52 -9.45 -39.05 6.11
C LEU A 52 -8.36 -39.06 5.04
N ASP A 53 -7.10 -38.90 5.44
CA ASP A 53 -6.06 -38.52 4.51
C ASP A 53 -5.17 -39.67 4.06
N ASN A 54 -5.06 -40.74 4.84
CA ASN A 54 -4.19 -41.86 4.49
C ASN A 54 -4.97 -42.80 3.56
N SER A 55 -4.83 -42.58 2.25
CA SER A 55 -5.53 -43.40 1.28
C SER A 55 -5.03 -44.84 1.28
N THR A 56 -3.81 -45.09 1.77
CA THR A 56 -3.26 -46.42 1.82
C THR A 56 -3.87 -47.28 2.91
N ALA A 57 -4.62 -46.69 3.84
CA ALA A 57 -5.24 -47.46 4.89
C ALA A 57 -6.43 -48.25 4.35
N VAL A 58 -7.00 -49.08 5.24
CA VAL A 58 -8.12 -49.94 4.85
C VAL A 58 -9.31 -49.06 4.48
N SER A 59 -9.86 -49.30 3.29
CA SER A 59 -10.98 -48.51 2.81
C SER A 59 -12.28 -48.93 3.48
N THR A 60 -13.27 -48.04 3.43
CA THR A 60 -14.56 -48.30 4.03
C THR A 60 -15.64 -47.71 3.14
N SER A 61 -16.89 -48.11 3.40
CA SER A 61 -18.03 -47.66 2.63
C SER A 61 -18.53 -46.28 3.03
N LEU A 62 -18.03 -45.71 4.12
CA LEU A 62 -18.55 -44.44 4.60
C LEU A 62 -18.22 -43.31 3.63
N SER A 63 -19.11 -42.32 3.60
CA SER A 63 -18.95 -41.17 2.73
C SER A 63 -17.89 -40.22 3.28
N PRO A 64 -17.32 -39.36 2.44
CA PRO A 64 -16.33 -38.40 2.93
C PRO A 64 -16.85 -37.50 4.04
N GLU A 65 -18.10 -37.06 3.94
CA GLU A 65 -18.67 -36.20 4.98
C GLU A 65 -18.81 -36.95 6.29
N ALA A 66 -19.20 -38.22 6.24
CA ALA A 66 -19.29 -39.01 7.46
C ALA A 66 -17.92 -39.18 8.11
N LEU A 67 -16.87 -39.41 7.31
CA LEU A 67 -15.53 -39.49 7.87
C LEU A 67 -15.11 -38.16 8.48
N LEU A 68 -15.44 -37.05 7.82
CA LEU A 68 -15.10 -35.74 8.38
C LEU A 68 -15.79 -35.53 9.71
N ALA A 69 -17.06 -35.93 9.81
CA ALA A 69 -17.75 -35.89 11.10
C ALA A 69 -17.08 -36.79 12.11
N ILE A 70 -16.61 -37.97 11.70
CA ILE A 70 -16.01 -38.93 12.61
C ILE A 70 -14.64 -38.49 13.11
N SER A 71 -13.96 -37.59 12.40
CA SER A 71 -12.57 -37.28 12.74
C SER A 71 -12.37 -35.91 13.36
N ILE A 72 -12.94 -34.85 12.80
CA ILE A 72 -12.67 -33.48 13.22
C ILE A 72 -13.86 -32.99 14.04
N PRO A 73 -13.64 -32.41 15.23
CA PRO A 73 -14.76 -31.92 16.02
C PRO A 73 -15.32 -30.64 15.41
N PRO A 74 -16.56 -30.31 15.73
CA PRO A 74 -17.14 -29.05 15.22
C PRO A 74 -16.53 -27.84 15.94
N GLY A 75 -16.26 -26.79 15.17
CA GLY A 75 -15.68 -25.57 15.70
C GLY A 75 -16.69 -24.46 15.92
N PRO A 76 -16.24 -23.38 16.57
CA PRO A 76 -17.15 -22.25 16.86
C PRO A 76 -17.84 -21.65 15.65
N ASN A 77 -17.17 -21.64 14.50
CA ASN A 77 -17.64 -20.87 13.35
C ASN A 77 -18.66 -21.67 12.54
N GLN A 78 -19.31 -22.64 13.16
CA GLN A 78 -20.30 -23.48 12.49
C GLN A 78 -19.64 -24.24 11.34
N ARG A 79 -18.40 -24.64 11.57
CA ARG A 79 -17.58 -25.34 10.59
C ARG A 79 -16.68 -26.31 11.33
N PRO A 80 -15.97 -27.17 10.60
CA PRO A 80 -14.99 -28.04 11.25
C PRO A 80 -13.96 -27.22 12.02
N HIS A 81 -13.51 -27.76 13.15
CA HIS A 81 -12.49 -27.09 13.94
C HIS A 81 -11.17 -27.09 13.18
N GLN A 82 -10.61 -25.90 12.97
CA GLN A 82 -9.43 -25.73 12.14
C GLN A 82 -8.13 -26.06 12.83
N CYS A 83 -8.15 -26.37 14.13
CA CYS A 83 -6.92 -26.58 14.89
C CYS A 83 -6.97 -27.76 15.84
N ARG A 84 -8.01 -28.61 15.79
CA ARG A 84 -8.10 -29.76 16.68
C ARG A 84 -8.64 -30.96 15.92
N ARG A 85 -8.37 -32.14 16.45
CA ARG A 85 -8.90 -33.38 15.90
C ARG A 85 -9.21 -34.32 17.05
N PHE A 86 -10.04 -35.32 16.77
CA PHE A 86 -10.39 -36.30 17.78
C PHE A 86 -9.23 -37.25 18.03
N ARG A 87 -9.00 -37.56 19.32
CA ARG A 87 -7.94 -38.48 19.68
C ARG A 87 -8.18 -39.86 19.09
N GLN A 88 -9.40 -40.36 19.22
CA GLN A 88 -9.81 -41.63 18.65
C GLN A 88 -11.05 -41.41 17.81
N PRO A 89 -11.17 -42.10 16.66
CA PRO A 89 -12.35 -41.89 15.81
C PRO A 89 -13.64 -42.06 16.58
N GLN A 90 -14.55 -41.10 16.42
CA GLN A 90 -15.81 -41.07 17.17
C GLN A 90 -16.93 -41.73 16.36
N TRP A 91 -16.91 -43.06 16.33
CA TRP A 91 -17.94 -43.80 15.62
C TRP A 91 -19.32 -43.52 16.19
N GLN A 92 -19.40 -43.18 17.48
CA GLN A 92 -20.70 -42.94 18.11
C GLN A 92 -21.43 -41.75 17.48
N LEU A 93 -20.71 -40.80 16.90
CA LEU A 93 -21.33 -39.66 16.25
C LEU A 93 -22.00 -40.00 14.94
N LEU A 94 -21.77 -41.21 14.41
CA LEU A 94 -22.32 -41.57 13.10
C LEU A 94 -23.84 -41.70 13.15
N ASP A 95 -24.38 -42.24 14.24
CA ASP A 95 -25.82 -42.35 14.37
C ASP A 95 -26.44 -40.96 14.55
N PRO A 96 -27.67 -40.75 14.06
CA PRO A 96 -28.29 -39.42 14.19
C PRO A 96 -28.67 -39.05 15.61
N ASN A 97 -28.60 -39.99 16.56
CA ASN A 97 -28.99 -39.72 17.94
C ASN A 97 -27.89 -39.02 18.74
N ALA A 98 -26.75 -38.72 18.12
CA ALA A 98 -25.60 -38.23 18.87
C ALA A 98 -25.91 -36.89 19.52
N THR A 99 -25.24 -36.63 20.65
CA THR A 99 -25.35 -35.38 21.38
C THR A 99 -23.96 -34.84 21.67
N ALA A 100 -23.87 -33.52 21.84
CA ALA A 100 -22.59 -32.89 22.12
C ALA A 100 -22.00 -33.38 23.44
N THR A 101 -22.84 -33.84 24.37
CA THR A 101 -22.33 -34.33 25.65
C THR A 101 -21.53 -35.61 25.52
N SER A 102 -21.54 -36.25 24.35
CA SER A 102 -20.89 -37.54 24.17
C SER A 102 -19.37 -37.46 24.10
N TRP A 103 -18.80 -36.28 23.88
CA TRP A 103 -17.35 -36.14 23.78
C TRP A 103 -16.87 -34.93 24.58
N SER A 104 -15.76 -35.11 25.29
CA SER A 104 -15.15 -34.08 26.10
C SER A 104 -14.02 -33.39 25.34
N GLU A 105 -13.65 -32.19 25.82
CA GLU A 105 -12.48 -31.51 25.28
C GLU A 105 -11.22 -32.34 25.48
N ALA A 106 -11.18 -33.19 26.50
CA ALA A 106 -10.04 -34.06 26.70
C ALA A 106 -9.91 -35.09 25.58
N ASP A 107 -10.96 -35.30 24.81
CA ASP A 107 -10.96 -36.25 23.70
C ASP A 107 -10.48 -35.63 22.39
N THR A 108 -10.07 -34.37 22.40
CA THR A 108 -9.52 -33.69 21.24
C THR A 108 -8.06 -33.35 21.49
N GLU A 109 -7.26 -33.42 20.44
CA GLU A 109 -5.85 -33.11 20.52
C GLU A 109 -5.47 -32.08 19.45
N PRO A 110 -4.46 -31.25 19.71
CA PRO A 110 -3.99 -30.33 18.66
C PRO A 110 -3.31 -31.11 17.53
N CYS A 111 -3.32 -30.52 16.34
CA CYS A 111 -2.79 -31.22 15.18
C CYS A 111 -1.35 -31.66 15.41
N VAL A 112 -1.13 -32.98 15.49
CA VAL A 112 0.24 -33.49 15.57
C VAL A 112 0.83 -33.66 14.18
N ASP A 113 0.02 -34.14 13.23
CA ASP A 113 0.49 -34.45 11.88
C ASP A 113 0.35 -33.28 10.92
N GLY A 114 0.02 -32.09 11.43
CA GLY A 114 -0.06 -30.91 10.58
C GLY A 114 -1.47 -30.68 10.05
N TRP A 115 -1.53 -29.97 8.92
CA TRP A 115 -2.77 -29.46 8.37
C TRP A 115 -2.93 -29.88 6.92
N VAL A 116 -4.19 -29.93 6.48
CA VAL A 116 -4.55 -30.15 5.09
C VAL A 116 -5.28 -28.90 4.60
N TYR A 117 -4.83 -28.36 3.46
CA TYR A 117 -5.30 -27.07 2.98
C TYR A 117 -6.13 -27.23 1.71
N ASP A 118 -7.09 -26.33 1.56
CA ASP A 118 -7.93 -26.30 0.36
C ASP A 118 -7.16 -25.70 -0.81
N ARG A 119 -7.06 -26.45 -1.91
CA ARG A 119 -6.32 -26.02 -3.09
C ARG A 119 -7.21 -25.49 -4.21
N SER A 120 -8.53 -25.44 -4.03
CA SER A 120 -9.42 -25.15 -5.15
C SER A 120 -9.15 -23.76 -5.74
N ILE A 121 -9.00 -22.75 -4.89
CA ILE A 121 -8.76 -21.39 -5.36
C ILE A 121 -7.28 -21.18 -5.60
N PHE A 122 -6.47 -21.40 -4.57
CA PHE A 122 -5.04 -21.14 -4.62
C PHE A 122 -4.27 -22.45 -4.54
N THR A 123 -3.30 -22.63 -5.43
CA THR A 123 -2.49 -23.84 -5.43
C THR A 123 -1.53 -23.85 -4.25
N SER A 124 -0.88 -22.71 -3.97
CA SER A 124 0.03 -22.62 -2.84
C SER A 124 0.08 -21.18 -2.35
N THR A 125 0.25 -21.03 -1.04
CA THR A 125 0.42 -19.74 -0.40
C THR A 125 1.45 -19.92 0.71
N ILE A 126 2.01 -18.80 1.18
CA ILE A 126 2.99 -18.87 2.26
C ILE A 126 2.35 -19.44 3.51
N VAL A 127 1.05 -19.20 3.72
CA VAL A 127 0.35 -19.74 4.88
C VAL A 127 0.39 -21.27 4.84
N ALA A 128 0.14 -21.86 3.67
CA ALA A 128 0.19 -23.31 3.55
C ALA A 128 1.62 -23.84 3.57
N LYS A 129 2.58 -23.07 3.05
CA LYS A 129 3.95 -23.55 3.02
C LYS A 129 4.54 -23.62 4.41
N TRP A 130 4.39 -22.56 5.20
CA TRP A 130 4.99 -22.48 6.52
C TRP A 130 3.99 -22.61 7.66
N ASN A 131 2.75 -23.02 7.38
CA ASN A 131 1.78 -23.32 8.42
C ASN A 131 1.58 -22.13 9.36
N LEU A 132 1.33 -20.96 8.77
CA LEU A 132 1.08 -19.77 9.57
C LEU A 132 -0.37 -19.76 10.05
N VAL A 133 -0.75 -20.80 10.79
CA VAL A 133 -2.12 -20.99 11.23
C VAL A 133 -2.14 -21.38 12.70
N CYS A 134 -3.32 -21.25 13.30
CA CYS A 134 -3.56 -21.67 14.68
C CYS A 134 -2.67 -20.91 15.66
N ASP A 135 -1.67 -21.57 16.25
CA ASP A 135 -0.78 -20.89 17.18
C ASP A 135 0.03 -19.81 16.48
N SER A 136 0.33 -19.99 15.20
CA SER A 136 1.18 -19.09 14.43
C SER A 136 0.39 -18.05 13.65
N HIS A 137 -0.90 -17.86 13.94
CA HIS A 137 -1.72 -16.95 13.15
C HIS A 137 -1.17 -15.53 13.19
N ALA A 138 -0.47 -15.15 14.27
CA ALA A 138 0.05 -13.80 14.39
C ALA A 138 1.14 -13.49 13.36
N LEU A 139 1.68 -14.50 12.70
CA LEU A 139 2.87 -14.28 11.86
C LEU A 139 2.54 -13.61 10.54
N LYS A 140 1.33 -13.77 10.01
CA LYS A 140 0.95 -13.08 8.78
C LYS A 140 0.87 -11.56 8.99
N PRO A 141 0.05 -11.05 9.91
CA PRO A 141 0.03 -9.60 10.12
C PRO A 141 1.37 -9.05 10.58
N MET A 142 2.16 -9.86 11.28
CA MET A 142 3.52 -9.45 11.63
C MET A 142 4.37 -9.24 10.39
N ALA A 143 4.24 -10.15 9.41
CA ALA A 143 4.97 -9.99 8.16
C ALA A 143 4.55 -8.71 7.44
N GLN A 144 3.24 -8.44 7.39
CA GLN A 144 2.79 -7.22 6.74
C GLN A 144 3.31 -5.98 7.47
N SER A 145 3.30 -6.01 8.80
CA SER A 145 3.84 -4.90 9.59
C SER A 145 5.32 -4.70 9.34
N ILE A 146 6.07 -5.79 9.17
CA ILE A 146 7.49 -5.69 8.88
C ILE A 146 7.71 -5.05 7.52
N TYR A 147 6.90 -5.41 6.53
CA TYR A 147 6.99 -4.76 5.22
C TYR A 147 6.75 -3.25 5.35
N LEU A 148 5.72 -2.86 6.10
CA LEU A 148 5.42 -1.43 6.23
C LEU A 148 6.48 -0.69 7.05
N ALA A 149 7.07 -1.35 8.06
CA ALA A 149 8.20 -0.75 8.76
C ALA A 149 9.40 -0.59 7.84
N GLY A 150 9.60 -1.52 6.93
CA GLY A 150 10.61 -1.34 5.91
C GLY A 150 10.34 -0.10 5.07
N ILE A 151 9.08 0.16 4.75
CA ILE A 151 8.75 1.38 4.02
C ILE A 151 9.11 2.60 4.86
N LEU A 152 8.78 2.58 6.14
CA LEU A 152 9.10 3.73 7.01
C LEU A 152 10.60 4.01 7.00
N VAL A 153 11.40 2.96 7.21
CA VAL A 153 12.85 3.15 7.27
C VAL A 153 13.40 3.58 5.92
N GLY A 154 12.86 3.03 4.83
CA GLY A 154 13.32 3.44 3.52
C GLY A 154 13.03 4.90 3.23
N ALA A 155 11.85 5.37 3.63
CA ALA A 155 11.53 6.78 3.48
C ALA A 155 12.46 7.65 4.32
N ALA A 156 12.81 7.20 5.52
CA ALA A 156 13.78 7.95 6.32
C ALA A 156 15.12 8.05 5.61
N ALA A 157 15.58 6.94 5.03
CA ALA A 157 16.90 6.93 4.38
C ALA A 157 16.91 7.62 3.03
N CYS A 158 15.75 7.74 2.36
CA CYS A 158 15.74 8.26 0.99
C CYS A 158 16.15 9.73 0.90
N GLY A 159 15.70 10.55 1.84
CA GLY A 159 15.95 11.97 1.78
C GLY A 159 17.43 12.34 1.76
N PRO A 160 18.15 11.95 2.82
CA PRO A 160 19.60 12.22 2.82
C PRO A 160 20.32 11.62 1.63
N ALA A 161 19.99 10.38 1.27
CA ALA A 161 20.64 9.74 0.14
C ALA A 161 20.30 10.46 -1.17
N SER A 162 19.05 10.89 -1.32
CA SER A 162 18.66 11.57 -2.54
C SER A 162 19.35 12.92 -2.67
N ASP A 163 19.50 13.64 -1.55
CA ASP A 163 20.22 14.91 -1.61
C ASP A 163 21.70 14.71 -1.90
N ARG A 164 22.32 13.67 -1.32
CA ARG A 164 23.74 13.48 -1.51
C ARG A 164 24.08 12.96 -2.90
N PHE A 165 23.24 12.08 -3.45
CA PHE A 165 23.57 11.36 -4.67
C PHE A 165 22.67 11.67 -5.86
N GLY A 166 21.56 12.36 -5.66
CA GLY A 166 20.68 12.71 -6.75
C GLY A 166 19.46 11.81 -6.83
N ARG A 167 18.45 12.29 -7.56
CA ARG A 167 17.19 11.57 -7.68
C ARG A 167 17.34 10.33 -8.54
N ARG A 168 18.03 10.46 -9.69
CA ARG A 168 18.04 9.39 -10.67
C ARG A 168 18.88 8.21 -10.20
N LEU A 169 20.04 8.47 -9.60
CA LEU A 169 20.89 7.38 -9.13
C LEU A 169 20.16 6.55 -8.06
N VAL A 170 19.54 7.24 -7.11
CA VAL A 170 18.79 6.54 -6.06
C VAL A 170 17.63 5.78 -6.66
N LEU A 171 16.95 6.37 -7.64
CA LEU A 171 15.85 5.68 -8.29
C LEU A 171 16.32 4.42 -9.01
N THR A 172 17.46 4.49 -9.69
CA THR A 172 18.02 3.34 -10.39
C THR A 172 18.32 2.21 -9.42
N TRP A 173 19.05 2.52 -8.34
CA TRP A 173 19.40 1.46 -7.40
C TRP A 173 18.18 0.97 -6.63
N SER A 174 17.16 1.81 -6.45
CA SER A 174 15.91 1.37 -5.86
C SER A 174 15.22 0.35 -6.76
N TYR A 175 15.18 0.62 -8.07
CA TYR A 175 14.65 -0.37 -9.00
C TYR A 175 15.41 -1.68 -8.93
N LEU A 176 16.74 -1.61 -8.96
CA LEU A 176 17.53 -2.84 -8.90
C LEU A 176 17.24 -3.61 -7.63
N GLN A 177 17.20 -2.91 -6.49
CA GLN A 177 16.96 -3.57 -5.22
C GLN A 177 15.58 -4.19 -5.17
N MET A 178 14.57 -3.51 -5.72
CA MET A 178 13.23 -4.07 -5.78
C MET A 178 13.23 -5.37 -6.55
N ALA A 179 13.85 -5.39 -7.73
CA ALA A 179 13.87 -6.60 -8.54
C ALA A 179 14.60 -7.73 -7.79
N VAL A 180 15.77 -7.44 -7.23
CA VAL A 180 16.59 -8.48 -6.60
C VAL A 180 15.87 -9.04 -5.38
N MET A 181 15.33 -8.17 -4.53
CA MET A 181 14.71 -8.64 -3.29
C MET A 181 13.35 -9.29 -3.54
N GLY A 182 12.63 -8.87 -4.57
CA GLY A 182 11.42 -9.59 -4.95
C GLY A 182 11.71 -10.97 -5.51
N THR A 183 12.78 -11.10 -6.29
CA THR A 183 13.16 -12.43 -6.78
C THR A 183 13.68 -13.30 -5.64
N ALA A 184 14.44 -12.72 -4.71
CA ALA A 184 14.95 -13.51 -3.59
C ALA A 184 13.84 -13.96 -2.66
N ALA A 185 12.81 -13.13 -2.46
CA ALA A 185 11.71 -13.50 -1.58
C ALA A 185 10.91 -14.67 -2.15
N ALA A 186 10.77 -14.73 -3.48
CA ALA A 186 9.96 -15.77 -4.09
C ALA A 186 10.51 -17.16 -3.81
N PHE A 187 11.84 -17.29 -3.74
CA PHE A 187 12.49 -18.58 -3.53
C PHE A 187 12.97 -18.77 -2.09
N ALA A 188 12.49 -17.98 -1.15
CA ALA A 188 13.00 -18.04 0.22
C ALA A 188 12.77 -19.43 0.81
N PRO A 189 13.76 -19.99 1.54
CA PRO A 189 13.55 -21.32 2.14
C PRO A 189 12.80 -21.30 3.45
N ALA A 190 12.79 -20.19 4.19
CA ALA A 190 12.20 -20.14 5.51
C ALA A 190 11.52 -18.80 5.71
N PHE A 191 10.59 -18.77 6.67
CA PHE A 191 9.75 -17.61 6.92
C PHE A 191 10.54 -16.39 7.39
N PRO A 192 11.46 -16.54 8.34
CA PRO A 192 12.26 -15.37 8.74
C PRO A 192 13.02 -14.74 7.59
N VAL A 193 13.56 -15.58 6.69
CA VAL A 193 14.28 -15.09 5.53
C VAL A 193 13.32 -14.35 4.59
N TYR A 194 12.12 -14.90 4.41
CA TYR A 194 11.10 -14.23 3.61
C TYR A 194 10.79 -12.86 4.18
N CYS A 195 10.66 -12.76 5.51
CA CYS A 195 10.40 -11.48 6.15
C CYS A 195 11.56 -10.51 5.93
N LEU A 196 12.79 -10.99 6.05
CA LEU A 196 13.95 -10.13 5.80
C LEU A 196 13.93 -9.55 4.39
N PHE A 197 13.67 -10.41 3.40
CA PHE A 197 13.69 -9.95 2.01
C PHE A 197 12.51 -9.02 1.71
N ARG A 198 11.34 -9.27 2.30
CA ARG A 198 10.23 -8.33 2.16
C ARG A 198 10.57 -6.97 2.79
N PHE A 199 11.27 -6.99 3.93
CA PHE A 199 11.68 -5.74 4.55
C PHE A 199 12.58 -4.94 3.63
N LEU A 200 13.57 -5.59 3.01
CA LEU A 200 14.46 -4.86 2.11
C LEU A 200 13.74 -4.43 0.83
N LEU A 201 12.78 -5.21 0.35
CA LEU A 201 12.00 -4.81 -0.81
C LEU A 201 11.19 -3.55 -0.52
N ALA A 202 10.58 -3.47 0.66
CA ALA A 202 9.90 -2.23 1.05
C ALA A 202 10.90 -1.08 1.18
N PHE A 203 12.09 -1.39 1.70
CA PHE A 203 13.15 -0.38 1.78
C PHE A 203 13.37 0.27 0.43
N ALA A 204 13.39 -0.53 -0.64
CA ALA A 204 13.55 0.03 -1.99
C ALA A 204 12.27 0.70 -2.50
N VAL A 205 11.10 0.14 -2.16
CA VAL A 205 9.84 0.69 -2.62
C VAL A 205 9.69 2.14 -2.19
N ALA A 206 10.09 2.45 -0.95
CA ALA A 206 9.98 3.81 -0.47
C ALA A 206 10.77 4.78 -1.33
N GLY A 207 12.00 4.41 -1.70
CA GLY A 207 12.81 5.27 -2.54
C GLY A 207 12.20 5.47 -3.92
N VAL A 208 11.66 4.40 -4.50
CA VAL A 208 10.99 4.57 -5.79
C VAL A 208 9.84 5.56 -5.64
N MET A 209 9.00 5.36 -4.63
CA MET A 209 7.85 6.24 -4.42
C MET A 209 8.27 7.70 -4.36
N MET A 210 9.24 8.01 -3.51
CA MET A 210 9.61 9.40 -3.32
C MET A 210 10.26 9.98 -4.58
N ASN A 211 11.27 9.30 -5.13
CA ASN A 211 12.02 9.90 -6.21
C ASN A 211 11.23 9.99 -7.50
N THR A 212 10.28 9.08 -7.75
CA THR A 212 9.45 9.20 -8.94
C THR A 212 8.71 10.54 -8.95
N GLY A 213 7.99 10.83 -7.86
CA GLY A 213 7.29 12.09 -7.78
C GLY A 213 8.23 13.28 -7.83
N THR A 214 9.33 13.22 -7.06
CA THR A 214 10.24 14.36 -7.03
C THR A 214 10.77 14.67 -8.42
N LEU A 215 11.19 13.64 -9.16
CA LEU A 215 11.82 13.83 -10.45
C LEU A 215 10.80 14.23 -11.51
N LEU A 216 9.55 13.81 -11.38
CA LEU A 216 8.51 14.27 -12.31
C LEU A 216 8.28 15.78 -12.16
N MET A 217 8.22 16.27 -10.93
CA MET A 217 7.97 17.69 -10.71
C MET A 217 9.02 18.56 -11.37
N GLU A 218 10.30 18.21 -11.19
CA GLU A 218 11.39 19.11 -11.51
C GLU A 218 11.64 19.25 -13.02
N TRP A 219 11.12 18.34 -13.83
CA TRP A 219 11.24 18.44 -15.28
C TRP A 219 9.97 18.97 -15.95
N THR A 220 8.94 19.30 -15.18
CA THR A 220 7.67 19.74 -15.72
C THR A 220 7.41 21.20 -15.38
N ALA A 221 6.91 21.94 -16.35
CA ALA A 221 6.57 23.34 -16.13
C ALA A 221 5.43 23.46 -15.13
N ALA A 222 5.38 24.58 -14.42
CA ALA A 222 4.39 24.77 -13.37
C ALA A 222 2.96 24.70 -13.89
N ARG A 223 2.73 24.99 -15.17
CA ARG A 223 1.39 24.95 -15.73
C ARG A 223 0.86 23.53 -15.90
N ALA A 224 1.70 22.51 -15.67
CA ALA A 224 1.28 21.12 -15.80
C ALA A 224 1.58 20.27 -14.57
N ARG A 225 2.17 20.84 -13.53
CA ARG A 225 2.62 20.09 -12.36
C ARG A 225 1.47 19.37 -11.65
N PRO A 226 0.37 20.06 -11.36
CA PRO A 226 -0.74 19.39 -10.67
C PRO A 226 -1.30 18.22 -11.46
N LEU A 227 -1.38 18.34 -12.78
CA LEU A 227 -1.84 17.23 -13.60
C LEU A 227 -0.90 16.04 -13.48
N VAL A 228 0.40 16.28 -13.45
CA VAL A 228 1.37 15.19 -13.30
C VAL A 228 1.21 14.52 -11.95
N MET A 229 1.01 15.31 -10.88
CA MET A 229 0.77 14.69 -9.58
C MET A 229 -0.50 13.84 -9.61
N THR A 230 -1.53 14.33 -10.30
CA THR A 230 -2.78 13.56 -10.40
C THR A 230 -2.56 12.24 -11.12
N LEU A 231 -1.84 12.25 -12.22
CA LEU A 231 -1.56 11.01 -12.95
C LEU A 231 -0.71 10.06 -12.11
N ASN A 232 0.26 10.60 -11.37
CA ASN A 232 1.04 9.76 -10.47
C ASN A 232 0.12 9.08 -9.45
N SER A 233 -0.85 9.81 -8.92
CA SER A 233 -1.80 9.19 -8.00
C SER A 233 -2.66 8.14 -8.68
N LEU A 234 -3.06 8.38 -9.94
CA LEU A 234 -3.91 7.42 -10.65
C LEU A 234 -3.18 6.14 -11.01
N GLY A 235 -1.85 6.20 -11.10
CA GLY A 235 -1.09 4.97 -11.32
C GLY A 235 -1.34 3.95 -10.22
N PHE A 236 -1.42 4.40 -8.98
CA PHE A 236 -1.77 3.50 -7.89
C PHE A 236 -3.16 2.91 -8.09
N SER A 237 -4.11 3.73 -8.55
CA SER A 237 -5.46 3.23 -8.79
C SER A 237 -5.44 2.10 -9.80
N PHE A 238 -4.68 2.26 -10.88
CA PHE A 238 -4.56 1.20 -11.87
C PHE A 238 -3.81 -0.03 -11.35
N GLY A 239 -2.93 0.17 -10.37
CA GLY A 239 -2.19 -0.97 -9.83
C GLY A 239 -3.10 -2.02 -9.21
N HIS A 240 -4.25 -1.61 -8.67
CA HIS A 240 -5.15 -2.58 -8.05
C HIS A 240 -5.79 -3.51 -9.08
N GLY A 241 -6.30 -2.94 -10.18
CA GLY A 241 -6.82 -3.77 -11.25
C GLY A 241 -5.74 -4.66 -11.85
N LEU A 242 -4.52 -4.13 -11.96
CA LEU A 242 -3.43 -4.97 -12.44
C LEU A 242 -3.19 -6.15 -11.50
N THR A 243 -3.20 -5.90 -10.19
CA THR A 243 -3.05 -6.98 -9.22
C THR A 243 -4.16 -8.00 -9.37
N ALA A 244 -5.40 -7.53 -9.51
CA ALA A 244 -6.52 -8.46 -9.64
C ALA A 244 -6.33 -9.37 -10.85
N ALA A 245 -5.99 -8.79 -12.00
CA ALA A 245 -5.81 -9.59 -13.20
C ALA A 245 -4.65 -10.58 -13.05
N VAL A 246 -3.48 -10.10 -12.61
CA VAL A 246 -2.31 -10.96 -12.54
C VAL A 246 -2.55 -12.10 -11.55
N ALA A 247 -3.11 -11.79 -10.38
CA ALA A 247 -3.39 -12.84 -9.41
C ALA A 247 -4.47 -13.79 -9.90
N TYR A 248 -5.43 -13.32 -10.71
CA TYR A 248 -6.39 -14.22 -11.33
C TYR A 248 -5.69 -15.19 -12.29
N GLY A 249 -4.69 -14.71 -13.02
CA GLY A 249 -3.97 -15.60 -13.91
C GLY A 249 -3.01 -16.54 -13.22
N VAL A 250 -2.42 -16.12 -12.11
CA VAL A 250 -1.34 -16.84 -11.46
C VAL A 250 -1.80 -17.21 -10.05
N ARG A 251 -2.03 -18.50 -9.81
CA ARG A 251 -2.51 -19.00 -8.53
C ARG A 251 -1.40 -19.58 -7.64
N ASP A 252 -0.14 -19.46 -8.05
CA ASP A 252 0.99 -19.99 -7.29
C ASP A 252 1.83 -18.84 -6.77
N TRP A 253 2.13 -18.86 -5.47
CA TRP A 253 2.69 -17.67 -4.81
C TRP A 253 4.12 -17.38 -5.26
N THR A 254 4.94 -18.41 -5.46
CA THR A 254 6.30 -18.19 -5.95
C THR A 254 6.28 -17.56 -7.33
N LEU A 255 5.51 -18.14 -8.24
CA LEU A 255 5.42 -17.61 -9.59
C LEU A 255 4.83 -16.21 -9.60
N LEU A 256 3.84 -15.96 -8.73
CA LEU A 256 3.24 -14.64 -8.66
C LEU A 256 4.25 -13.59 -8.21
N GLN A 257 4.98 -13.88 -7.14
CA GLN A 257 5.99 -12.94 -6.66
C GLN A 257 7.06 -12.71 -7.72
N LEU A 258 7.50 -13.79 -8.37
CA LEU A 258 8.49 -13.66 -9.42
C LEU A 258 7.97 -12.80 -10.57
N VAL A 259 6.73 -13.02 -10.98
CA VAL A 259 6.15 -12.31 -12.11
C VAL A 259 6.05 -10.82 -11.80
N VAL A 260 5.65 -10.47 -10.58
CA VAL A 260 5.56 -9.04 -10.26
C VAL A 260 6.89 -8.42 -9.92
N SER A 261 7.95 -9.23 -9.71
CA SER A 261 9.28 -8.68 -9.50
C SER A 261 10.07 -8.49 -10.79
N VAL A 262 9.89 -9.36 -11.78
CA VAL A 262 10.70 -9.28 -13.00
C VAL A 262 10.57 -7.93 -13.68
N PRO A 263 9.38 -7.32 -13.80
CA PRO A 263 9.29 -6.05 -14.54
C PRO A 263 10.30 -5.01 -14.12
N PHE A 264 10.74 -5.01 -12.86
CA PHE A 264 11.62 -3.96 -12.38
C PHE A 264 13.05 -4.08 -12.88
N PHE A 265 13.41 -5.20 -13.52
CA PHE A 265 14.69 -5.25 -14.23
C PHE A 265 14.64 -4.38 -15.48
N LEU A 266 13.49 -4.31 -16.13
CA LEU A 266 13.33 -3.43 -17.28
C LEU A 266 13.26 -1.97 -16.86
N CYS A 267 12.56 -1.68 -15.75
CA CYS A 267 12.54 -0.32 -15.23
C CYS A 267 13.95 0.15 -14.88
N PHE A 268 14.74 -0.72 -14.26
CA PHE A 268 16.14 -0.41 -13.99
C PHE A 268 16.88 -0.02 -15.26
N LEU A 269 16.58 -0.72 -16.37
CA LEU A 269 17.33 -0.48 -17.60
C LEU A 269 17.00 0.87 -18.22
N TYR A 270 15.71 1.21 -18.31
CA TYR A 270 15.37 2.50 -18.93
C TYR A 270 15.55 3.67 -17.98
N SER A 271 15.84 3.43 -16.71
CA SER A 271 16.24 4.51 -15.82
C SER A 271 17.59 5.10 -16.23
N TRP A 272 18.39 4.35 -16.97
CA TRP A 272 19.69 4.85 -17.43
C TRP A 272 19.57 5.85 -18.58
N TRP A 273 18.44 5.84 -19.29
CA TRP A 273 18.16 6.83 -20.32
C TRP A 273 17.49 8.08 -19.79
N LEU A 274 17.25 8.16 -18.49
CA LEU A 274 16.62 9.34 -17.91
C LEU A 274 17.68 10.37 -17.54
N PRO A 275 17.44 11.66 -17.79
CA PRO A 275 18.36 12.70 -17.35
C PRO A 275 18.20 13.01 -15.87
N GLU A 276 19.31 13.34 -15.22
CA GLU A 276 19.27 13.79 -13.83
C GLU A 276 18.69 15.19 -13.74
N SER A 277 18.09 15.50 -12.59
CA SER A 277 17.43 16.78 -12.39
C SER A 277 18.41 17.93 -12.57
N ALA A 278 18.02 18.91 -13.40
CA ALA A 278 18.88 20.06 -13.66
C ALA A 278 18.99 20.97 -12.44
N ARG A 279 17.89 21.16 -11.71
CA ARG A 279 17.93 21.98 -10.51
C ARG A 279 18.97 21.46 -9.54
N TRP A 280 18.94 20.16 -9.26
CA TRP A 280 19.88 19.55 -8.32
C TRP A 280 21.31 19.71 -8.83
N LEU A 281 21.53 19.47 -10.12
CA LEU A 281 22.88 19.56 -10.66
C LEU A 281 23.44 20.97 -10.56
N ILE A 282 22.64 21.97 -10.90
CA ILE A 282 23.10 23.36 -10.78
C ILE A 282 23.38 23.69 -9.32
N ILE A 283 22.44 23.33 -8.43
CA ILE A 283 22.59 23.66 -7.02
C ILE A 283 23.81 22.95 -6.43
N LYS A 284 24.10 21.73 -6.89
CA LYS A 284 25.28 21.02 -6.42
C LYS A 284 26.57 21.63 -6.94
N GLY A 285 26.50 22.46 -7.97
CA GLY A 285 27.69 23.06 -8.55
C GLY A 285 28.23 22.25 -9.71
N LYS A 286 27.34 21.75 -10.57
CA LYS A 286 27.71 21.01 -11.77
C LYS A 286 27.01 21.59 -12.99
N PRO A 287 27.33 22.85 -13.34
CA PRO A 287 26.63 23.48 -14.47
C PRO A 287 26.89 22.82 -15.81
N ASP A 288 28.09 22.30 -16.06
CA ASP A 288 28.36 21.68 -17.35
C ASP A 288 27.48 20.46 -17.57
N GLN A 289 27.39 19.57 -16.58
CA GLN A 289 26.56 18.39 -16.71
C GLN A 289 25.09 18.75 -16.83
N ALA A 290 24.66 19.78 -16.10
CA ALA A 290 23.29 20.26 -16.22
C ALA A 290 23.01 20.75 -17.64
N LEU A 291 23.95 21.47 -18.23
CA LEU A 291 23.77 21.93 -19.61
C LEU A 291 23.71 20.75 -20.56
N GLN A 292 24.55 19.74 -20.34
CA GLN A 292 24.48 18.53 -21.17
C GLN A 292 23.09 17.92 -21.10
N GLU A 293 22.54 17.78 -19.89
CA GLU A 293 21.22 17.19 -19.74
C GLU A 293 20.14 18.04 -20.41
N LEU A 294 20.23 19.36 -20.26
CA LEU A 294 19.22 20.23 -20.85
C LEU A 294 19.25 20.16 -22.38
N ARG A 295 20.45 20.16 -22.96
CA ARG A 295 20.55 20.01 -24.41
C ARG A 295 20.03 18.64 -24.85
N LYS A 296 20.26 17.62 -24.04
CA LYS A 296 19.71 16.30 -24.31
C LYS A 296 18.19 16.35 -24.41
N VAL A 297 17.54 16.94 -23.41
CA VAL A 297 16.08 16.98 -23.40
C VAL A 297 15.56 17.85 -24.54
N ALA A 298 16.23 18.97 -24.82
CA ALA A 298 15.81 19.81 -25.93
C ALA A 298 15.90 19.06 -27.26
N ARG A 299 16.95 18.26 -27.43
CA ARG A 299 17.04 17.42 -28.62
C ARG A 299 15.87 16.45 -28.68
N ILE A 300 15.52 15.83 -27.55
CA ILE A 300 14.38 14.92 -27.55
C ILE A 300 13.12 15.65 -28.00
N ASN A 301 12.91 16.85 -27.49
CA ASN A 301 11.69 17.58 -27.82
C ASN A 301 11.69 18.19 -29.21
N GLY A 302 12.77 18.06 -29.97
CA GLY A 302 12.81 18.68 -31.29
C GLY A 302 12.74 20.19 -31.22
N HIS A 303 13.45 20.79 -30.28
CA HIS A 303 13.32 22.21 -29.97
C HIS A 303 14.60 22.94 -30.40
N LYS A 304 14.44 23.97 -31.23
CA LYS A 304 15.59 24.61 -31.85
C LYS A 304 16.42 25.42 -30.86
N GLU A 305 15.78 26.00 -29.83
CA GLU A 305 16.48 26.94 -28.96
C GLU A 305 17.58 26.30 -28.14
N ALA A 306 17.91 25.03 -28.35
CA ALA A 306 19.14 24.48 -27.78
C ALA A 306 20.36 25.25 -28.25
N LYS A 307 20.25 25.92 -29.40
CA LYS A 307 21.34 26.76 -29.91
C LYS A 307 21.66 27.91 -28.97
N ASN A 308 20.70 28.35 -28.16
CA ASN A 308 20.86 29.57 -27.38
C ASN A 308 21.47 29.34 -26.01
N LEU A 309 21.28 28.17 -25.42
CA LEU A 309 21.72 27.96 -24.04
C LEU A 309 23.23 27.92 -23.94
N THR A 310 23.75 28.52 -22.86
CA THR A 310 25.15 28.43 -22.49
C THR A 310 25.22 28.44 -20.98
N ILE A 311 26.37 27.97 -20.45
CA ILE A 311 26.51 27.85 -19.00
C ILE A 311 26.31 29.19 -18.31
N GLU A 312 26.69 30.28 -18.97
CA GLU A 312 26.50 31.60 -18.35
C GLU A 312 25.02 31.91 -18.13
N VAL A 313 24.17 31.53 -19.09
CA VAL A 313 22.73 31.72 -18.91
C VAL A 313 22.21 30.88 -17.75
N LEU A 314 22.65 29.62 -17.67
CA LEU A 314 22.17 28.75 -16.59
C LEU A 314 22.59 29.27 -15.22
N MET A 315 23.88 29.54 -15.04
CA MET A 315 24.39 29.93 -13.73
C MET A 315 23.78 31.25 -13.27
N SER A 316 23.67 32.23 -14.17
CA SER A 316 23.20 33.55 -13.78
C SER A 316 21.73 33.53 -13.36
N SER A 317 20.92 32.72 -14.02
CA SER A 317 19.48 32.76 -13.79
C SER A 317 19.06 31.93 -12.58
N VAL A 318 19.59 30.71 -12.46
CA VAL A 318 19.21 29.80 -11.39
C VAL A 318 19.95 30.08 -10.09
N LYS A 319 20.80 31.11 -10.05
CA LYS A 319 21.53 31.45 -8.83
C LYS A 319 20.59 31.62 -7.65
N GLU A 320 19.40 32.18 -7.88
CA GLU A 320 18.45 32.41 -6.80
C GLU A 320 17.98 31.09 -6.18
N GLU A 321 17.93 30.02 -6.97
CA GLU A 321 17.64 28.70 -6.41
C GLU A 321 18.81 28.20 -5.57
N VAL A 322 20.04 28.44 -6.04
CA VAL A 322 21.22 28.03 -5.28
C VAL A 322 21.23 28.73 -3.93
N ALA A 323 20.72 29.96 -3.86
CA ALA A 323 20.71 30.69 -2.60
C ALA A 323 19.71 30.16 -1.59
N SER A 324 18.84 29.21 -1.97
CA SER A 324 17.72 28.81 -1.13
C SER A 324 18.13 28.04 0.13
N ALA A 325 19.37 27.54 0.21
CA ALA A 325 19.77 26.64 1.28
C ALA A 325 19.91 27.33 2.64
N LYS A 326 19.74 28.66 2.71
CA LYS A 326 20.17 29.41 3.88
C LYS A 326 19.26 29.25 5.10
N GLU A 327 18.03 28.75 4.93
CA GLU A 327 17.00 28.84 5.97
C GLU A 327 16.41 27.47 6.29
N PRO A 328 17.09 26.66 7.10
CA PRO A 328 16.51 25.39 7.55
C PRO A 328 15.52 25.57 8.69
N ARG A 329 14.73 24.51 8.91
CA ARG A 329 13.79 24.46 10.02
C ARG A 329 13.65 23.03 10.51
N SER A 330 13.28 22.88 11.78
CA SER A 330 13.17 21.59 12.44
C SER A 330 11.71 21.22 12.69
N VAL A 331 11.48 19.93 12.97
CA VAL A 331 10.17 19.51 13.45
C VAL A 331 9.87 20.16 14.79
N LEU A 332 10.88 20.31 15.65
CA LEU A 332 10.66 20.97 16.93
C LEU A 332 10.21 22.41 16.76
N ASP A 333 10.60 23.03 15.64
CA ASP A 333 10.16 24.39 15.37
C ASP A 333 8.65 24.46 15.11
N LEU A 334 8.10 23.46 14.42
CA LEU A 334 6.66 23.40 14.21
C LEU A 334 5.91 23.41 15.54
N PHE A 335 6.36 22.60 16.49
CA PHE A 335 5.66 22.45 17.77
C PHE A 335 5.96 23.58 18.75
N CYS A 336 7.03 24.34 18.54
CA CYS A 336 7.33 25.44 19.44
C CYS A 336 6.53 26.69 19.09
N VAL A 337 6.32 26.97 17.81
CA VAL A 337 5.63 28.18 17.39
C VAL A 337 4.18 28.08 17.87
N PRO A 338 3.69 29.05 18.66
CA PRO A 338 2.42 28.83 19.37
C PRO A 338 1.26 28.39 18.49
N GLY A 339 0.92 29.17 17.45
CA GLY A 339 -0.31 28.93 16.72
C GLY A 339 -0.29 27.72 15.82
N LEU A 340 0.89 27.24 15.43
CA LEU A 340 1.00 26.06 14.59
C LEU A 340 0.83 24.77 15.36
N ARG A 341 0.83 24.84 16.69
CA ARG A 341 0.63 23.66 17.52
C ARG A 341 -0.64 22.92 17.15
N PHE A 342 -1.76 23.65 17.14
CA PHE A 342 -3.07 23.06 16.87
C PHE A 342 -3.13 22.45 15.47
N ARG A 343 -2.74 23.23 14.48
CA ARG A 343 -2.77 22.78 13.09
C ARG A 343 -1.91 21.54 12.92
N THR A 344 -0.70 21.54 13.48
CA THR A 344 0.19 20.41 13.34
C THR A 344 -0.41 19.16 13.95
N CYS A 345 -0.92 19.26 15.19
CA CYS A 345 -1.51 18.09 15.84
C CYS A 345 -2.60 17.48 14.97
N ILE A 346 -3.57 18.31 14.54
CA ILE A 346 -4.73 17.76 13.84
C ILE A 346 -4.33 17.25 12.45
N SER A 347 -3.47 17.97 11.73
CA SER A 347 -3.03 17.51 10.42
C SER A 347 -2.29 16.18 10.51
N THR A 348 -1.41 16.03 11.50
CA THR A 348 -0.71 14.77 11.69
C THR A 348 -1.71 13.66 11.98
N LEU A 349 -2.72 13.95 12.80
CA LEU A 349 -3.74 12.95 13.08
C LEU A 349 -4.44 12.50 11.81
N CYS A 350 -4.77 13.45 10.92
CA CYS A 350 -5.45 13.07 9.69
C CYS A 350 -4.57 12.19 8.80
N TRP A 351 -3.28 12.53 8.67
CA TRP A 351 -2.38 11.69 7.88
C TRP A 351 -2.32 10.29 8.48
N PHE A 352 -2.16 10.22 9.80
CA PHE A 352 -2.08 8.94 10.48
C PHE A 352 -3.32 8.12 10.22
N ALA A 353 -4.50 8.75 10.30
CA ALA A 353 -5.73 8.02 10.06
C ALA A 353 -5.78 7.50 8.63
N PHE A 354 -5.37 8.28 7.64
CA PHE A 354 -5.39 7.76 6.28
C PHE A 354 -4.57 6.49 6.19
N GLY A 355 -3.31 6.55 6.62
CA GLY A 355 -2.45 5.40 6.45
C GLY A 355 -2.96 4.21 7.25
N PHE A 356 -3.31 4.44 8.51
CA PHE A 356 -3.78 3.37 9.38
C PHE A 356 -4.97 2.65 8.77
N THR A 357 -6.01 3.41 8.40
CA THR A 357 -7.22 2.79 7.89
C THR A 357 -6.97 2.08 6.56
N PHE A 358 -6.31 2.75 5.62
CA PHE A 358 -6.18 2.16 4.30
C PHE A 358 -5.42 0.84 4.38
N PHE A 359 -4.26 0.83 5.03
CA PHE A 359 -3.50 -0.40 5.01
C PHE A 359 -3.99 -1.42 6.04
N GLY A 360 -4.80 -1.03 7.02
CA GLY A 360 -5.50 -2.02 7.81
C GLY A 360 -6.55 -2.76 7.01
N LEU A 361 -7.35 -2.04 6.23
CA LEU A 361 -8.46 -2.65 5.52
C LEU A 361 -8.02 -3.38 4.26
N ALA A 362 -7.20 -2.73 3.43
CA ALA A 362 -6.94 -3.23 2.09
C ALA A 362 -6.19 -4.55 2.06
N LEU A 363 -5.58 -4.96 3.16
CA LEU A 363 -4.74 -6.16 3.17
C LEU A 363 -5.45 -7.40 3.69
N ASP A 364 -6.72 -7.29 4.08
CA ASP A 364 -7.52 -8.44 4.50
C ASP A 364 -8.85 -8.43 3.78
N LEU A 365 -8.82 -8.18 2.47
CA LEU A 365 -10.05 -8.23 1.68
C LEU A 365 -10.81 -9.53 1.90
N GLN A 366 -10.12 -10.58 2.33
CA GLN A 366 -10.76 -11.87 2.53
C GLN A 366 -11.84 -11.83 3.60
N ALA A 367 -11.83 -10.81 4.47
CA ALA A 367 -12.88 -10.65 5.46
C ALA A 367 -14.02 -9.77 4.99
N LEU A 368 -13.77 -8.89 4.01
CA LEU A 368 -14.74 -7.88 3.62
C LEU A 368 -15.78 -8.38 2.62
N GLY A 369 -15.55 -9.52 1.99
CA GLY A 369 -16.49 -9.98 0.99
C GLY A 369 -16.16 -11.38 0.53
N SER A 370 -16.86 -11.79 -0.53
CA SER A 370 -16.83 -13.17 -1.01
C SER A 370 -15.71 -13.41 -2.01
N ASN A 371 -15.68 -12.62 -3.08
CA ASN A 371 -14.72 -12.77 -4.16
C ASN A 371 -13.69 -11.67 -4.02
N ILE A 372 -12.43 -12.04 -3.75
CA ILE A 372 -11.39 -11.06 -3.49
C ILE A 372 -10.83 -10.48 -4.79
N PHE A 373 -10.88 -11.22 -5.89
CA PHE A 373 -10.41 -10.65 -7.16
C PHE A 373 -11.27 -9.46 -7.57
N LEU A 374 -12.60 -9.60 -7.47
CA LEU A 374 -13.49 -8.50 -7.80
C LEU A 374 -13.35 -7.35 -6.81
N LEU A 375 -13.13 -7.64 -5.54
CA LEU A 375 -12.89 -6.58 -4.56
C LEU A 375 -11.63 -5.79 -4.91
N GLN A 376 -10.56 -6.49 -5.24
CA GLN A 376 -9.32 -5.82 -5.62
C GLN A 376 -9.52 -4.99 -6.88
N MET A 377 -10.23 -5.52 -7.86
CA MET A 377 -10.55 -4.74 -9.06
C MET A 377 -11.36 -3.50 -8.70
N PHE A 378 -12.37 -3.65 -7.85
CA PHE A 378 -13.35 -2.60 -7.65
C PHE A 378 -12.83 -1.47 -6.79
N ILE A 379 -11.91 -1.74 -5.86
CA ILE A 379 -11.35 -0.60 -5.14
C ILE A 379 -10.56 0.29 -6.09
N GLY A 380 -9.90 -0.28 -7.09
CA GLY A 380 -9.28 0.50 -8.14
C GLY A 380 -10.27 1.20 -9.05
N VAL A 381 -11.38 0.53 -9.36
CA VAL A 381 -12.41 1.16 -10.19
C VAL A 381 -13.00 2.37 -9.48
N VAL A 382 -13.20 2.26 -8.15
CA VAL A 382 -13.81 3.35 -7.40
C VAL A 382 -12.81 4.44 -7.07
N ASP A 383 -11.52 4.11 -6.95
CA ASP A 383 -10.54 5.10 -6.55
C ASP A 383 -10.43 6.25 -7.53
N ILE A 384 -10.55 5.98 -8.83
CA ILE A 384 -10.35 6.97 -9.87
C ILE A 384 -11.44 8.04 -9.78
N PRO A 385 -12.71 7.68 -9.99
CA PRO A 385 -13.76 8.69 -9.87
C PRO A 385 -13.80 9.33 -8.50
N ALA A 386 -13.48 8.58 -7.44
CA ALA A 386 -13.44 9.17 -6.11
C ALA A 386 -12.43 10.30 -6.05
N LYS A 387 -11.21 10.08 -6.57
CA LYS A 387 -10.19 11.11 -6.48
C LYS A 387 -10.49 12.30 -7.38
N MET A 388 -11.00 12.07 -8.60
CA MET A 388 -11.26 13.22 -9.46
C MET A 388 -12.49 14.01 -9.02
N GLY A 389 -13.51 13.34 -8.48
CA GLY A 389 -14.60 14.07 -7.86
C GLY A 389 -14.15 14.80 -6.61
N ALA A 390 -13.19 14.23 -5.87
CA ALA A 390 -12.61 14.94 -4.75
C ALA A 390 -11.95 16.22 -5.22
N LEU A 391 -11.25 16.18 -6.36
CA LEU A 391 -10.66 17.39 -6.92
C LEU A 391 -11.73 18.41 -7.30
N LEU A 392 -12.80 17.95 -7.97
CA LEU A 392 -13.88 18.87 -8.33
C LEU A 392 -14.48 19.54 -7.09
N LEU A 393 -14.79 18.76 -6.07
CA LEU A 393 -15.38 19.30 -4.85
C LEU A 393 -14.40 20.21 -4.12
N LEU A 394 -13.11 19.84 -4.12
CA LEU A 394 -12.10 20.62 -3.43
C LEU A 394 -11.88 21.97 -4.11
N SER A 395 -12.05 22.03 -5.42
CA SER A 395 -12.06 23.31 -6.11
C SER A 395 -13.37 24.07 -5.92
N HIS A 396 -14.48 23.37 -5.69
CA HIS A 396 -15.76 24.04 -5.51
C HIS A 396 -15.98 24.48 -4.06
N LEU A 397 -15.96 23.53 -3.12
CA LEU A 397 -16.49 23.75 -1.78
C LEU A 397 -15.43 23.94 -0.70
N GLY A 398 -14.14 23.91 -1.04
CA GLY A 398 -13.10 24.17 -0.08
C GLY A 398 -12.51 22.92 0.54
N ARG A 399 -11.41 23.13 1.27
CA ARG A 399 -10.63 22.01 1.79
C ARG A 399 -11.27 21.40 3.02
N ARG A 400 -11.69 22.23 3.97
CA ARG A 400 -12.14 21.72 5.26
C ARG A 400 -13.37 20.84 5.13
N PRO A 401 -14.47 21.29 4.54
CA PRO A 401 -15.65 20.41 4.46
C PRO A 401 -15.39 19.16 3.65
N THR A 402 -14.59 19.26 2.59
CA THR A 402 -14.34 18.10 1.76
C THR A 402 -13.55 17.04 2.51
N LEU A 403 -12.48 17.44 3.19
CA LEU A 403 -11.70 16.47 3.97
C LEU A 403 -12.56 15.86 5.08
N ALA A 404 -13.29 16.70 5.82
CA ALA A 404 -14.11 16.19 6.91
C ALA A 404 -15.15 15.20 6.39
N ALA A 405 -15.85 15.55 5.32
CA ALA A 405 -16.89 14.69 4.78
C ALA A 405 -16.31 13.39 4.23
N SER A 406 -15.16 13.47 3.56
CA SER A 406 -14.54 12.26 3.01
C SER A 406 -14.18 11.28 4.13
N LEU A 407 -13.49 11.77 5.16
CA LEU A 407 -13.11 10.88 6.25
C LEU A 407 -14.32 10.34 6.99
N LEU A 408 -15.30 11.20 7.27
CA LEU A 408 -16.49 10.74 7.98
C LEU A 408 -17.26 9.71 7.17
N LEU A 409 -17.38 9.91 5.85
CA LEU A 409 -18.06 8.94 5.01
C LEU A 409 -17.32 7.60 5.01
N ALA A 410 -15.99 7.62 4.89
CA ALA A 410 -15.24 6.38 4.96
C ALA A 410 -15.48 5.67 6.30
N GLY A 411 -15.43 6.42 7.40
CA GLY A 411 -15.66 5.80 8.70
C GLY A 411 -17.04 5.20 8.82
N LEU A 412 -18.05 5.92 8.34
CA LEU A 412 -19.43 5.43 8.45
C LEU A 412 -19.65 4.21 7.57
N CYS A 413 -19.07 4.20 6.37
CA CYS A 413 -19.19 3.01 5.51
C CYS A 413 -18.53 1.80 6.15
N ILE A 414 -17.37 1.98 6.78
CA ILE A 414 -16.71 0.84 7.42
C ILE A 414 -17.46 0.39 8.67
N LEU A 415 -17.96 1.33 9.47
CA LEU A 415 -18.71 0.96 10.67
C LEU A 415 -19.97 0.18 10.32
N ALA A 416 -20.70 0.62 9.29
CA ALA A 416 -21.90 -0.11 8.89
C ALA A 416 -21.56 -1.56 8.55
N ASN A 417 -20.36 -1.82 8.03
CA ASN A 417 -19.98 -3.19 7.70
C ASN A 417 -20.10 -4.11 8.92
N THR A 418 -19.88 -3.58 10.12
CA THR A 418 -19.96 -4.37 11.33
C THR A 418 -21.40 -4.61 11.78
N LEU A 419 -22.37 -3.84 11.26
CA LEU A 419 -23.77 -3.98 11.63
C LEU A 419 -24.59 -4.76 10.61
N VAL A 420 -24.14 -4.86 9.36
CA VAL A 420 -24.92 -5.49 8.30
C VAL A 420 -24.91 -7.00 8.50
N PRO A 421 -25.97 -7.72 8.10
CA PRO A 421 -25.94 -9.18 8.20
C PRO A 421 -24.90 -9.80 7.28
N HIS A 422 -24.32 -10.91 7.74
CA HIS A 422 -23.29 -11.59 6.96
C HIS A 422 -23.86 -12.24 5.71
N GLU A 423 -25.15 -12.56 5.69
CA GLU A 423 -25.75 -13.19 4.51
C GLU A 423 -25.65 -12.28 3.29
N MET A 424 -25.66 -10.96 3.50
CA MET A 424 -25.59 -9.99 2.41
C MET A 424 -24.14 -9.65 2.08
N GLY A 425 -23.43 -10.63 1.51
CA GLY A 425 -22.06 -10.42 1.12
C GLY A 425 -21.90 -9.33 0.08
N ALA A 426 -22.88 -9.20 -0.82
CA ALA A 426 -22.80 -8.18 -1.87
C ALA A 426 -22.84 -6.78 -1.26
N LEU A 427 -23.79 -6.54 -0.35
CA LEU A 427 -23.89 -5.22 0.28
C LEU A 427 -22.65 -4.93 1.11
N ARG A 428 -22.14 -5.92 1.82
CA ARG A 428 -20.91 -5.73 2.60
C ARG A 428 -19.74 -5.37 1.69
N SER A 429 -19.61 -6.04 0.56
CA SER A 429 -18.54 -5.71 -0.38
C SER A 429 -18.68 -4.28 -0.88
N ALA A 430 -19.91 -3.89 -1.23
CA ALA A 430 -20.15 -2.52 -1.70
C ALA A 430 -19.75 -1.50 -0.65
N LEU A 431 -20.17 -1.72 0.60
CA LEU A 431 -19.84 -0.78 1.67
C LEU A 431 -18.33 -0.68 1.87
N ALA A 432 -17.62 -1.82 1.88
CA ALA A 432 -16.18 -1.78 2.05
C ALA A 432 -15.51 -1.00 0.91
N VAL A 433 -15.94 -1.25 -0.33
CA VAL A 433 -15.37 -0.55 -1.47
C VAL A 433 -15.59 0.95 -1.33
N LEU A 434 -16.80 1.36 -0.93
CA LEU A 434 -17.08 2.78 -0.78
C LEU A 434 -16.23 3.41 0.32
N GLY A 435 -16.02 2.68 1.42
CA GLY A 435 -15.16 3.20 2.47
C GLY A 435 -13.74 3.45 1.98
N LEU A 436 -13.20 2.50 1.22
CA LEU A 436 -11.84 2.69 0.72
C LEU A 436 -11.77 3.83 -0.31
N GLY A 437 -12.82 3.99 -1.13
CA GLY A 437 -12.87 5.15 -2.01
C GLY A 437 -12.86 6.45 -1.23
N GLY A 438 -13.62 6.51 -0.13
CA GLY A 438 -13.59 7.68 0.71
C GLY A 438 -12.21 7.94 1.30
N VAL A 439 -11.49 6.88 1.67
CA VAL A 439 -10.13 7.07 2.18
C VAL A 439 -9.22 7.64 1.10
N GLY A 440 -9.38 7.19 -0.15
CA GLY A 440 -8.57 7.74 -1.22
C GLY A 440 -8.86 9.22 -1.45
N ALA A 441 -10.13 9.60 -1.42
CA ALA A 441 -10.46 11.01 -1.56
C ALA A 441 -9.90 11.82 -0.40
N ALA A 442 -9.92 11.27 0.81
CA ALA A 442 -9.30 11.98 1.93
C ALA A 442 -7.81 12.14 1.73
N PHE A 443 -7.14 11.12 1.15
CA PHE A 443 -5.73 11.27 0.83
C PHE A 443 -5.51 12.45 -0.10
N THR A 444 -6.33 12.58 -1.15
CA THR A 444 -6.22 13.73 -2.03
C THR A 444 -6.38 15.04 -1.26
N CYS A 445 -7.46 15.12 -0.49
CA CYS A 445 -7.79 16.37 0.19
C CYS A 445 -6.68 16.78 1.14
N ILE A 446 -6.15 15.85 1.92
CA ILE A 446 -5.07 16.18 2.84
C ILE A 446 -3.80 16.55 2.09
N THR A 447 -3.50 15.86 0.99
CA THR A 447 -2.31 16.21 0.23
C THR A 447 -2.34 17.67 -0.17
N ILE A 448 -3.49 18.16 -0.64
CA ILE A 448 -3.53 19.57 -1.04
C ILE A 448 -3.63 20.47 0.19
N TYR A 449 -4.43 20.09 1.17
CA TYR A 449 -4.69 20.96 2.32
C TYR A 449 -3.43 21.23 3.13
N SER A 450 -2.55 20.24 3.26
CA SER A 450 -1.38 20.39 4.11
C SER A 450 -0.49 21.53 3.62
N SER A 451 -0.32 21.66 2.31
CA SER A 451 0.54 22.69 1.75
C SER A 451 0.01 24.10 1.99
N GLU A 452 -1.26 24.24 2.39
CA GLU A 452 -1.87 25.55 2.59
C GLU A 452 -2.03 25.93 4.06
N LEU A 453 -1.92 24.96 4.97
CA LEU A 453 -2.10 25.27 6.39
C LEU A 453 -0.93 26.04 6.96
N PHE A 454 0.26 25.89 6.38
CA PHE A 454 1.46 26.34 7.06
C PHE A 454 2.20 27.40 6.26
N PRO A 455 2.95 28.28 6.93
CA PRO A 455 3.76 29.26 6.21
C PRO A 455 4.84 28.59 5.37
N THR A 456 5.36 29.35 4.40
CA THR A 456 6.05 28.75 3.26
C THR A 456 7.27 27.93 3.69
N VAL A 457 8.10 28.44 4.59
CA VAL A 457 9.31 27.71 4.94
C VAL A 457 8.98 26.42 5.68
N LEU A 458 7.98 26.46 6.56
CA LEU A 458 7.57 25.27 7.31
C LEU A 458 6.69 24.33 6.51
N ARG A 459 6.23 24.77 5.32
CA ARG A 459 5.35 23.94 4.51
C ARG A 459 5.94 22.55 4.30
N MET A 460 7.19 22.48 3.87
CA MET A 460 7.81 21.20 3.52
C MET A 460 8.00 20.33 4.75
N THR A 461 8.43 20.92 5.86
CA THR A 461 8.59 20.14 7.09
C THR A 461 7.26 19.59 7.57
N ALA A 462 6.19 20.37 7.47
CA ALA A 462 4.88 19.89 7.86
C ALA A 462 4.43 18.72 6.99
N VAL A 463 4.63 18.82 5.68
CA VAL A 463 4.26 17.71 4.81
C VAL A 463 5.09 16.47 5.14
N GLY A 464 6.37 16.66 5.41
CA GLY A 464 7.20 15.51 5.77
C GLY A 464 6.73 14.85 7.05
N LEU A 465 6.39 15.65 8.07
CA LEU A 465 5.86 15.09 9.30
C LEU A 465 4.57 14.33 9.06
N GLY A 466 3.68 14.87 8.22
CA GLY A 466 2.45 14.17 7.91
C GLY A 466 2.68 12.83 7.23
N GLN A 467 3.53 12.83 6.21
CA GLN A 467 3.81 11.59 5.49
C GLN A 467 4.45 10.54 6.40
N MET A 468 5.39 10.96 7.25
CA MET A 468 5.98 10.03 8.20
C MET A 468 4.95 9.51 9.19
N ALA A 469 4.00 10.34 9.59
CA ALA A 469 2.92 9.88 10.46
C ALA A 469 2.07 8.83 9.78
N ALA A 470 1.77 9.03 8.49
CA ALA A 470 1.01 8.03 7.74
C ALA A 470 1.78 6.72 7.66
N ARG A 471 3.08 6.78 7.41
CA ARG A 471 3.89 5.57 7.30
C ARG A 471 3.97 4.85 8.64
N GLY A 472 4.03 5.61 9.74
CA GLY A 472 4.01 4.98 11.06
C GLY A 472 2.67 4.32 11.39
N GLY A 473 1.57 4.98 11.02
CA GLY A 473 0.26 4.40 11.28
C GLY A 473 0.00 3.14 10.47
N ALA A 474 0.52 3.09 9.24
CA ALA A 474 0.36 1.89 8.43
C ALA A 474 0.94 0.66 9.15
N ILE A 475 2.01 0.85 9.94
CA ILE A 475 2.58 -0.26 10.69
C ILE A 475 1.56 -0.81 11.69
N LEU A 476 0.93 0.08 12.46
CA LEU A 476 -0.08 -0.36 13.41
C LEU A 476 -1.32 -0.91 12.73
N GLY A 477 -1.54 -0.55 11.47
CA GLY A 477 -2.70 -1.03 10.76
C GLY A 477 -2.90 -2.52 10.89
N PRO A 478 -2.01 -3.31 10.29
CA PRO A 478 -2.21 -4.77 10.32
C PRO A 478 -2.24 -5.38 11.71
N LEU A 479 -1.47 -4.85 12.67
CA LEU A 479 -1.43 -5.48 14.00
C LEU A 479 -2.80 -5.48 14.66
N VAL A 480 -3.64 -4.48 14.37
CA VAL A 480 -4.97 -4.45 14.96
C VAL A 480 -5.78 -5.68 14.56
N ARG A 481 -5.41 -6.35 13.47
CA ARG A 481 -6.10 -7.56 13.07
C ARG A 481 -5.89 -8.69 14.06
N LEU A 482 -4.90 -8.59 14.95
CA LEU A 482 -4.72 -9.60 15.98
C LEU A 482 -5.88 -9.62 16.97
N LEU A 483 -6.59 -8.50 17.10
CA LEU A 483 -7.75 -8.44 17.99
C LEU A 483 -8.92 -9.26 17.49
N GLY A 484 -8.84 -9.79 16.26
CA GLY A 484 -9.95 -10.55 15.71
C GLY A 484 -10.27 -11.83 16.47
N VAL A 485 -9.40 -12.26 17.38
CA VAL A 485 -9.70 -13.44 18.18
C VAL A 485 -10.99 -13.24 18.96
N HIS A 486 -11.27 -12.01 19.38
CA HIS A 486 -12.50 -11.68 20.10
C HIS A 486 -13.68 -11.43 19.17
N GLY A 487 -13.54 -11.76 17.89
CA GLY A 487 -14.57 -11.52 16.92
C GLY A 487 -14.11 -10.52 15.86
N PRO A 488 -14.47 -10.77 14.60
CA PRO A 488 -14.03 -9.85 13.53
C PRO A 488 -14.61 -8.46 13.64
N TRP A 489 -15.63 -8.26 14.48
CA TRP A 489 -16.23 -6.95 14.63
C TRP A 489 -15.29 -5.95 15.28
N LEU A 490 -14.37 -6.41 16.12
CA LEU A 490 -13.53 -5.47 16.87
C LEU A 490 -12.47 -4.82 15.99
N PRO A 491 -11.73 -5.54 15.14
CA PRO A 491 -10.83 -4.85 14.20
C PRO A 491 -11.54 -3.83 13.32
N LEU A 492 -12.70 -4.18 12.77
CA LEU A 492 -13.45 -3.24 11.95
C LEU A 492 -13.95 -2.07 12.77
N LEU A 493 -14.33 -2.30 14.02
CA LEU A 493 -14.74 -1.21 14.90
C LEU A 493 -13.60 -0.22 15.09
N VAL A 494 -12.38 -0.71 15.31
CA VAL A 494 -11.24 0.19 15.44
C VAL A 494 -11.00 0.94 14.14
N TYR A 495 -10.94 0.20 13.03
CA TYR A 495 -10.68 0.82 11.72
C TYR A 495 -11.74 1.86 11.38
N GLY A 496 -12.95 1.69 11.87
CA GLY A 496 -14.03 2.61 11.59
C GLY A 496 -14.05 3.81 12.51
N THR A 497 -13.78 3.59 13.79
CA THR A 497 -13.79 4.69 14.74
C THR A 497 -12.67 5.68 14.44
N VAL A 498 -11.47 5.19 14.11
CA VAL A 498 -10.35 6.10 13.92
C VAL A 498 -10.65 7.16 12.88
N PRO A 499 -11.10 6.84 11.67
CA PRO A 499 -11.39 7.90 10.69
C PRO A 499 -12.53 8.81 11.11
N VAL A 500 -13.51 8.31 11.87
CA VAL A 500 -14.58 9.18 12.33
C VAL A 500 -14.03 10.28 13.23
N LEU A 501 -13.20 9.89 14.21
CA LEU A 501 -12.64 10.86 15.13
C LEU A 501 -11.68 11.81 14.44
N SER A 502 -10.89 11.32 13.48
CA SER A 502 -10.00 12.22 12.77
C SER A 502 -10.77 13.15 11.83
N GLY A 503 -11.92 12.72 11.32
CA GLY A 503 -12.77 13.62 10.55
C GLY A 503 -13.40 14.71 11.41
N LEU A 504 -13.88 14.34 12.59
CA LEU A 504 -14.43 15.34 13.50
C LEU A 504 -13.35 16.33 13.95
N ALA A 505 -12.08 15.92 13.91
CA ALA A 505 -10.99 16.86 14.14
C ALA A 505 -10.79 17.79 12.96
N ALA A 506 -11.05 17.32 11.74
CA ALA A 506 -10.87 18.15 10.55
C ALA A 506 -11.79 19.36 10.57
N LEU A 507 -12.99 19.23 11.15
CA LEU A 507 -13.88 20.36 11.27
C LEU A 507 -13.27 21.51 12.06
N LEU A 508 -12.28 21.21 12.91
CA LEU A 508 -11.66 22.22 13.77
C LEU A 508 -10.50 22.96 13.11
N LEU A 509 -10.05 22.52 11.94
CA LEU A 509 -9.00 23.22 11.24
C LEU A 509 -9.51 24.54 10.69
N PRO A 510 -8.61 25.49 10.44
CA PRO A 510 -9.01 26.72 9.75
C PRO A 510 -9.03 26.56 8.25
N GLU A 511 -10.01 27.17 7.61
CA GLU A 511 -10.16 27.05 6.16
C GLU A 511 -9.13 27.92 5.44
N THR A 512 -8.75 27.48 4.24
CA THR A 512 -7.77 28.18 3.41
C THR A 512 -8.28 28.55 2.03
N GLN A 513 -9.49 28.15 1.66
CA GLN A 513 -10.04 28.55 0.37
C GLN A 513 -10.26 30.06 0.34
N SER A 514 -9.75 30.70 -0.71
CA SER A 514 -9.90 32.14 -0.85
C SER A 514 -11.34 32.49 -1.20
N LEU A 515 -11.90 33.48 -0.51
CA LEU A 515 -13.27 33.91 -0.75
C LEU A 515 -13.37 35.42 -0.68
#